data_5J4K
#
_entry.id   5J4K
#
_cell.length_a   40.440
_cell.length_b   61.214
_cell.length_c   87.742
_cell.angle_alpha   90.00
_cell.angle_beta   90.00
_cell.angle_gamma   90.00
#
_symmetry.space_group_name_H-M   'P 21 21 21'
#
loop_
_entity.id
_entity.type
_entity.pdbx_description
1 polymer 'DNA repair and recombination protein RadA'
2 non-polymer 'SODIUM ION'
3 non-polymer 'CALCIUM ION'
4 non-polymer '2,3-dihydro-1H-indene-2-carboxylic acid'
5 non-polymer GLYCEROL
6 water water
#
_entity_poly.entity_id   1
_entity_poly.type   'polypeptide(L)'
_entity_poly.pdbx_seq_one_letter_code
;MATIGRISTGSKSLDKLLGGGIETQAITEVFGEFGSGKTQLAHTLAVMVQLPPEEGGLNGSAMYIDTENTFRPERLREIA
QNRGLDPDEVLDNVAYARAFNSNHQMLLVQQAEDMIKELLNTDRPVKLLIVDSLTSHFRSEYIGRGALAERQQKLAKHLA
DLHRLANLYDIAVFVTNQVQANGGHILAHSATLRVYLRKGKGGKRIARLIDAPHLPEGEAVFSITEKGIED
;
_entity_poly.pdbx_strand_id   A
#
# COMPACT_ATOMS: atom_id res chain seq x y z
N ALA A 2 -11.36 -9.51 -15.61
CA ALA A 2 -11.71 -8.12 -15.36
C ALA A 2 -10.51 -7.20 -15.57
N THR A 3 -10.75 -6.03 -16.16
CA THR A 3 -9.67 -5.08 -16.44
C THR A 3 -8.92 -4.69 -15.17
N ILE A 4 -7.61 -4.63 -15.27
CA ILE A 4 -6.77 -4.17 -14.18
C ILE A 4 -6.83 -2.65 -14.13
N GLY A 5 -7.13 -2.12 -12.96
CA GLY A 5 -7.09 -0.69 -12.73
C GLY A 5 -5.73 -0.25 -12.23
N ARG A 6 -5.40 1.01 -12.44
CA ARG A 6 -4.10 1.53 -12.02
C ARG A 6 -4.26 2.82 -11.24
N ILE A 7 -3.62 2.89 -10.08
CA ILE A 7 -3.61 4.10 -9.28
C ILE A 7 -2.28 4.80 -9.42
N SER A 8 -2.31 6.05 -9.83
CA SER A 8 -1.10 6.84 -9.90
C SER A 8 -0.52 7.08 -8.52
N THR A 9 0.80 7.05 -8.45
CA THR A 9 1.53 7.34 -7.22
C THR A 9 1.72 8.83 -6.98
N GLY A 10 1.41 9.66 -7.97
CA GLY A 10 1.74 11.08 -7.93
C GLY A 10 3.01 11.41 -8.69
N SER A 11 3.87 10.41 -8.90
CA SER A 11 5.13 10.58 -9.61
C SER A 11 5.08 9.92 -10.98
N LYS A 12 5.31 10.72 -12.02
CA LYS A 12 5.38 10.19 -13.39
C LYS A 12 6.50 9.15 -13.51
N SER A 13 7.62 9.42 -12.86
CA SER A 13 8.77 8.51 -12.87
C SER A 13 8.40 7.14 -12.28
N LEU A 14 7.85 7.17 -11.07
CA LEU A 14 7.49 5.93 -10.40
C LEU A 14 6.36 5.24 -11.14
N ASP A 15 5.39 5.99 -11.64
CA ASP A 15 4.31 5.38 -12.42
C ASP A 15 4.89 4.64 -13.62
N LYS A 16 5.86 5.23 -14.31
CA LYS A 16 6.46 4.57 -15.46
C LYS A 16 7.13 3.25 -15.07
N LEU A 17 7.89 3.27 -13.99
CA LEU A 17 8.52 2.06 -13.50
C LEU A 17 7.50 0.96 -13.22
N LEU A 18 6.35 1.37 -12.67
CA LEU A 18 5.29 0.44 -12.30
C LEU A 18 4.40 0.01 -13.47
N GLY A 19 4.64 0.54 -14.66
CA GLY A 19 3.81 0.20 -15.82
C GLY A 19 2.49 0.96 -15.87
N GLY A 20 2.42 2.08 -15.15
CA GLY A 20 1.26 2.97 -15.21
C GLY A 20 0.70 3.33 -13.84
N GLY A 21 1.13 2.61 -12.81
CA GLY A 21 0.63 2.84 -11.48
C GLY A 21 0.52 1.55 -10.72
N ILE A 22 0.02 1.65 -9.49
CA ILE A 22 -0.24 0.51 -8.66
C ILE A 22 -1.48 -0.24 -9.16
N GLU A 23 -1.39 -1.57 -9.28
CA GLU A 23 -2.43 -2.35 -9.92
C GLU A 23 -3.47 -2.92 -8.96
N THR A 24 -4.74 -2.87 -9.36
CA THR A 24 -5.75 -3.71 -8.73
C THR A 24 -5.45 -5.19 -9.08
N GLN A 25 -6.08 -6.09 -8.32
CA GLN A 25 -5.89 -7.53 -8.50
C GLN A 25 -4.42 -7.94 -8.29
N ALA A 26 -3.76 -7.21 -7.41
CA ALA A 26 -2.34 -7.42 -7.11
C ALA A 26 -2.02 -6.92 -5.72
N ILE A 27 -1.01 -7.53 -5.09
CA ILE A 27 -0.38 -6.98 -3.90
C ILE A 27 0.95 -6.37 -4.32
N THR A 28 1.12 -5.08 -4.08
CA THR A 28 2.38 -4.41 -4.28
C THR A 28 3.01 -4.16 -2.93
N GLU A 29 4.24 -4.65 -2.76
CA GLU A 29 5.00 -4.41 -1.54
C GLU A 29 6.10 -3.42 -1.80
N VAL A 30 6.24 -2.46 -0.90
N VAL A 30 6.15 -2.35 -1.01
CA VAL A 30 7.29 -1.46 -0.97
CA VAL A 30 7.30 -1.49 -0.97
C VAL A 30 8.09 -1.48 0.32
C VAL A 30 8.06 -1.77 0.32
N PHE A 31 9.37 -1.81 0.23
CA PHE A 31 10.20 -2.01 1.41
C PHE A 31 11.42 -1.13 1.37
N GLY A 32 11.92 -0.80 2.55
CA GLY A 32 13.04 0.12 2.67
C GLY A 32 13.18 0.56 4.12
N GLU A 33 14.17 1.40 4.37
CA GLU A 33 14.42 1.90 5.72
C GLU A 33 13.37 2.93 6.10
N PHE A 34 13.28 3.25 7.39
CA PHE A 34 12.42 4.33 7.83
C PHE A 34 12.79 5.61 7.07
N GLY A 35 11.78 6.30 6.58
CA GLY A 35 11.99 7.52 5.82
C GLY A 35 12.33 7.32 4.35
N SER A 36 12.33 6.07 3.88
CA SER A 36 12.63 5.82 2.47
C SER A 36 11.52 6.24 1.52
N GLY A 37 10.35 6.58 2.07
CA GLY A 37 9.20 7.02 1.28
C GLY A 37 8.02 6.07 1.28
N LYS A 38 8.18 4.91 1.92
N LYS A 38 8.17 4.88 1.86
CA LYS A 38 7.17 3.85 1.86
CA LYS A 38 7.10 3.90 1.78
C LYS A 38 5.84 4.28 2.49
C LYS A 38 5.81 4.41 2.41
N THR A 39 5.91 4.98 3.60
CA THR A 39 4.71 5.43 4.30
C THR A 39 4.11 6.68 3.64
N GLN A 40 4.97 7.56 3.12
CA GLN A 40 4.51 8.71 2.36
C GLN A 40 3.77 8.28 1.11
N LEU A 41 4.26 7.24 0.46
CA LEU A 41 3.61 6.70 -0.72
C LEU A 41 2.24 6.11 -0.36
N ALA A 42 2.16 5.41 0.78
CA ALA A 42 0.91 4.87 1.26
C ALA A 42 -0.12 5.99 1.46
N HIS A 43 0.30 7.05 2.14
CA HIS A 43 -0.62 8.17 2.37
C HIS A 43 -1.05 8.82 1.06
N THR A 44 -0.12 8.95 0.12
CA THR A 44 -0.43 9.58 -1.16
C THR A 44 -1.43 8.74 -1.95
N LEU A 45 -1.20 7.43 -1.99
CA LEU A 45 -2.10 6.54 -2.70
C LEU A 45 -3.53 6.58 -2.10
N ALA A 46 -3.63 6.73 -0.79
CA ALA A 46 -4.92 6.80 -0.13
C ALA A 46 -5.74 8.00 -0.60
N VAL A 47 -5.05 9.06 -1.03
CA VAL A 47 -5.70 10.21 -1.68
C VAL A 47 -5.92 9.96 -3.17
N MET A 48 -4.87 9.53 -3.89
CA MET A 48 -4.93 9.38 -5.35
C MET A 48 -6.04 8.43 -5.79
N VAL A 49 -6.27 7.36 -5.03
CA VAL A 49 -7.28 6.39 -5.41
C VAL A 49 -8.69 7.01 -5.54
N GLN A 50 -8.90 8.12 -4.83
CA GLN A 50 -10.21 8.78 -4.79
C GLN A 50 -10.50 9.61 -6.02
N LEU A 51 -9.47 9.91 -6.79
CA LEU A 51 -9.59 10.76 -7.98
C LEU A 51 -10.25 10.00 -9.12
N PRO A 52 -10.85 10.72 -10.07
CA PRO A 52 -11.33 10.05 -11.28
C PRO A 52 -10.16 9.55 -12.13
N PRO A 53 -10.45 8.65 -13.07
CA PRO A 53 -9.33 7.98 -13.74
C PRO A 53 -8.48 8.89 -14.61
N GLU A 54 -9.04 9.96 -15.17
CA GLU A 54 -8.21 10.89 -15.92
C GLU A 54 -7.27 11.71 -15.03
N GLU A 55 -7.42 11.57 -13.71
CA GLU A 55 -6.50 12.17 -12.75
C GLU A 55 -5.65 11.11 -12.04
N GLY A 56 -5.75 9.87 -12.51
CA GLY A 56 -4.93 8.79 -11.98
C GLY A 56 -5.54 7.95 -10.87
N GLY A 57 -6.82 8.14 -10.57
CA GLY A 57 -7.50 7.37 -9.54
C GLY A 57 -8.53 6.39 -10.05
N LEU A 58 -9.32 5.82 -9.14
CA LEU A 58 -10.31 4.81 -9.46
C LEU A 58 -11.67 5.17 -8.89
N ASN A 59 -11.89 6.45 -8.61
CA ASN A 59 -13.16 6.89 -8.04
C ASN A 59 -13.53 6.03 -6.84
N GLY A 60 -12.53 5.74 -6.01
CA GLY A 60 -12.70 4.79 -4.93
C GLY A 60 -12.43 5.36 -3.56
N SER A 61 -12.53 4.49 -2.58
CA SER A 61 -12.12 4.81 -1.22
C SER A 61 -11.00 3.87 -0.80
N ALA A 62 -10.44 4.15 0.38
CA ALA A 62 -9.28 3.42 0.87
C ALA A 62 -9.52 2.88 2.25
N MET A 63 -8.77 1.85 2.61
N MET A 63 -8.80 1.83 2.59
CA MET A 63 -8.75 1.31 3.97
CA MET A 63 -8.75 1.31 3.95
C MET A 63 -7.31 1.09 4.38
C MET A 63 -7.28 1.23 4.32
N TYR A 64 -6.98 1.55 5.58
CA TYR A 64 -5.60 1.63 6.06
C TYR A 64 -5.47 0.88 7.38
N ILE A 65 -4.71 -0.20 7.36
CA ILE A 65 -4.38 -0.96 8.57
C ILE A 65 -2.98 -0.53 9.01
N ASP A 66 -2.92 -0.03 10.24
CA ASP A 66 -1.73 0.56 10.81
C ASP A 66 -1.22 -0.36 11.91
N THR A 67 0.03 -0.80 11.82
CA THR A 67 0.57 -1.71 12.83
C THR A 67 1.54 -1.03 13.81
N GLU A 68 2.11 0.10 13.41
CA GLU A 68 3.12 0.79 14.21
C GLU A 68 2.87 2.30 14.35
N ASN A 69 1.59 2.68 14.29
CA ASN A 69 1.16 4.06 14.51
C ASN A 69 1.80 5.05 13.55
N THR A 70 1.74 4.71 12.27
CA THR A 70 2.33 5.51 11.21
C THR A 70 1.31 6.41 10.51
N PHE A 71 0.03 6.17 10.73
CA PHE A 71 -1.04 6.93 10.05
C PHE A 71 -1.11 8.35 10.59
N ARG A 72 -1.17 9.30 9.66
CA ARG A 72 -1.21 10.72 10.00
C ARG A 72 -2.35 11.39 9.25
N PRO A 73 -3.51 11.53 9.91
CA PRO A 73 -4.66 12.15 9.23
C PRO A 73 -4.36 13.54 8.67
N GLU A 74 -3.58 14.35 9.37
CA GLU A 74 -3.30 15.69 8.85
C GLU A 74 -2.39 15.65 7.63
N ARG A 75 -1.61 14.57 7.46
CA ARG A 75 -0.82 14.44 6.24
C ARG A 75 -1.75 14.15 5.06
N LEU A 76 -2.77 13.32 5.27
CA LEU A 76 -3.78 13.08 4.23
C LEU A 76 -4.48 14.39 3.87
N ARG A 77 -4.85 15.16 4.89
CA ARG A 77 -5.54 16.42 4.66
C ARG A 77 -4.66 17.38 3.85
N GLU A 78 -3.36 17.41 4.18
CA GLU A 78 -2.43 18.31 3.49
C GLU A 78 -2.32 17.92 2.01
N ILE A 79 -2.08 16.63 1.78
CA ILE A 79 -1.94 16.12 0.41
C ILE A 79 -3.22 16.46 -0.38
N ALA A 80 -4.37 16.20 0.22
CA ALA A 80 -5.64 16.50 -0.43
C ALA A 80 -5.76 17.99 -0.80
N GLN A 81 -5.55 18.86 0.17
CA GLN A 81 -5.72 20.30 -0.03
C GLN A 81 -4.81 20.77 -1.16
N ASN A 82 -3.58 20.28 -1.17
CA ASN A 82 -2.62 20.75 -2.16
C ASN A 82 -2.82 20.17 -3.56
N ARG A 83 -3.71 19.19 -3.67
CA ARG A 83 -4.11 18.64 -4.97
C ARG A 83 -5.49 19.15 -5.40
N GLY A 84 -6.03 20.13 -4.68
CA GLY A 84 -7.31 20.74 -5.03
C GLY A 84 -8.53 20.02 -4.50
N LEU A 85 -8.33 19.16 -3.51
CA LEU A 85 -9.40 18.35 -2.94
C LEU A 85 -9.79 18.84 -1.56
N ASP A 86 -11.01 18.54 -1.16
CA ASP A 86 -11.48 18.90 0.17
C ASP A 86 -10.86 17.97 1.19
N PRO A 87 -10.10 18.50 2.15
CA PRO A 87 -9.36 17.58 3.02
C PRO A 87 -10.23 16.69 3.90
N ASP A 88 -11.36 17.21 4.37
CA ASP A 88 -12.23 16.45 5.25
C ASP A 88 -12.96 15.34 4.49
N GLU A 89 -13.40 15.63 3.27
CA GLU A 89 -14.05 14.59 2.47
C GLU A 89 -13.06 13.47 2.13
N VAL A 90 -11.84 13.84 1.79
CA VAL A 90 -10.82 12.83 1.49
C VAL A 90 -10.49 11.99 2.72
N LEU A 91 -10.33 12.63 3.87
CA LEU A 91 -10.05 11.89 5.09
C LEU A 91 -11.18 10.92 5.42
N ASP A 92 -12.41 11.36 5.20
CA ASP A 92 -13.59 10.52 5.47
C ASP A 92 -13.67 9.32 4.54
N ASN A 93 -12.98 9.36 3.41
CA ASN A 93 -12.92 8.23 2.49
C ASN A 93 -11.75 7.28 2.75
N VAL A 94 -11.05 7.48 3.86
CA VAL A 94 -10.00 6.54 4.28
C VAL A 94 -10.39 5.92 5.59
N ALA A 95 -10.84 4.68 5.55
CA ALA A 95 -11.19 3.93 6.76
C ALA A 95 -9.90 3.48 7.43
N TYR A 96 -9.81 3.65 8.73
CA TYR A 96 -8.58 3.43 9.46
C TYR A 96 -8.78 2.45 10.60
N ALA A 97 -7.84 1.53 10.77
CA ALA A 97 -7.81 0.66 11.94
C ALA A 97 -6.39 0.39 12.38
N ARG A 98 -6.15 0.46 13.68
CA ARG A 98 -4.91 0.02 14.29
C ARG A 98 -4.97 -1.48 14.57
N ALA A 99 -3.96 -2.21 14.10
CA ALA A 99 -3.82 -3.63 14.41
C ALA A 99 -3.01 -3.76 15.68
N PHE A 100 -3.59 -4.40 16.70
CA PHE A 100 -2.94 -4.48 18.01
C PHE A 100 -1.91 -5.61 18.10
N ASN A 101 -2.07 -6.64 17.27
CA ASN A 101 -1.16 -7.79 17.22
C ASN A 101 -1.46 -8.53 15.92
N SER A 102 -0.72 -9.60 15.61
CA SER A 102 -0.86 -10.24 14.31
C SER A 102 -2.20 -10.93 14.14
N ASN A 103 -2.75 -11.43 15.25
CA ASN A 103 -4.04 -12.10 15.19
C ASN A 103 -5.16 -11.11 14.93
N HIS A 104 -5.10 -9.96 15.59
CA HIS A 104 -6.04 -8.89 15.33
C HIS A 104 -5.90 -8.40 13.88
N GLN A 105 -4.68 -8.32 13.39
CA GLN A 105 -4.42 -7.94 12.00
C GLN A 105 -5.16 -8.88 11.04
N MET A 106 -5.17 -10.17 11.35
N MET A 106 -5.16 -10.18 11.32
CA MET A 106 -5.88 -11.14 10.51
CA MET A 106 -5.91 -11.10 10.48
C MET A 106 -7.39 -10.92 10.56
C MET A 106 -7.40 -10.85 10.55
N LEU A 107 -7.91 -10.62 11.75
CA LEU A 107 -9.33 -10.34 11.89
C LEU A 107 -9.71 -9.07 11.12
N LEU A 108 -8.85 -8.07 11.16
CA LEU A 108 -9.12 -6.82 10.45
C LEU A 108 -9.28 -7.05 8.94
N VAL A 109 -8.55 -8.01 8.39
CA VAL A 109 -8.69 -8.31 6.96
C VAL A 109 -10.10 -8.87 6.68
N GLN A 110 -10.62 -9.68 7.59
N GLN A 110 -10.62 -9.66 7.60
CA GLN A 110 -11.97 -10.19 7.47
CA GLN A 110 -11.98 -10.20 7.45
C GLN A 110 -12.98 -9.05 7.53
C GLN A 110 -13.02 -9.09 7.57
N GLN A 111 -12.77 -8.13 8.45
CA GLN A 111 -13.66 -6.99 8.60
C GLN A 111 -13.57 -6.11 7.37
N ALA A 112 -12.39 -6.02 6.77
CA ALA A 112 -12.22 -5.23 5.57
C ALA A 112 -13.13 -5.77 4.46
N GLU A 113 -13.22 -7.08 4.36
CA GLU A 113 -14.07 -7.71 3.37
C GLU A 113 -15.53 -7.27 3.51
N ASP A 114 -15.99 -7.12 4.75
CA ASP A 114 -17.37 -6.69 4.98
C ASP A 114 -17.62 -5.31 4.35
N MET A 115 -16.69 -4.40 4.56
N MET A 115 -16.69 -4.38 4.55
N MET A 115 -16.69 -4.39 4.55
CA MET A 115 -16.82 -3.05 4.04
CA MET A 115 -16.88 -3.04 4.02
CA MET A 115 -16.86 -3.04 4.02
C MET A 115 -16.72 -3.02 2.51
C MET A 115 -16.71 -3.00 2.51
C MET A 115 -16.74 -3.04 2.50
N ILE A 116 -15.79 -3.82 1.99
CA ILE A 116 -15.60 -3.92 0.57
C ILE A 116 -16.88 -4.42 -0.09
N LYS A 117 -17.49 -5.45 0.50
CA LYS A 117 -18.75 -5.99 -0.05
C LYS A 117 -19.85 -4.96 -0.01
N GLU A 118 -19.93 -4.24 1.10
CA GLU A 118 -20.98 -3.23 1.29
C GLU A 118 -20.91 -2.13 0.22
N LEU A 119 -19.69 -1.70 -0.11
CA LEU A 119 -19.51 -0.56 -0.99
C LEU A 119 -19.30 -0.94 -2.45
N LEU A 120 -19.23 -2.23 -2.75
CA LEU A 120 -18.77 -2.73 -4.05
C LEU A 120 -19.49 -2.12 -5.24
N ASN A 121 -20.81 -2.01 -5.13
CA ASN A 121 -21.63 -1.57 -6.25
C ASN A 121 -22.20 -0.17 -6.10
N THR A 122 -21.59 0.60 -5.21
CA THR A 122 -21.91 2.02 -5.03
C THR A 122 -21.05 2.87 -5.97
N ASP A 123 -21.27 4.17 -5.94
CA ASP A 123 -20.50 5.10 -6.75
C ASP A 123 -19.05 5.27 -6.29
N ARG A 124 -18.72 4.78 -5.09
CA ARG A 124 -17.36 4.89 -4.59
C ARG A 124 -16.99 3.61 -3.82
N PRO A 125 -16.63 2.56 -4.57
CA PRO A 125 -16.22 1.31 -3.93
C PRO A 125 -14.86 1.45 -3.28
N VAL A 126 -14.55 0.56 -2.35
CA VAL A 126 -13.19 0.43 -1.87
C VAL A 126 -12.33 0.00 -3.05
N LYS A 127 -11.22 0.70 -3.27
CA LYS A 127 -10.31 0.31 -4.35
C LYS A 127 -8.87 0.13 -3.90
N LEU A 128 -8.60 0.40 -2.62
CA LEU A 128 -7.25 0.31 -2.09
C LEU A 128 -7.29 -0.13 -0.64
N LEU A 129 -6.51 -1.17 -0.33
CA LEU A 129 -6.30 -1.63 1.04
C LEU A 129 -4.82 -1.55 1.32
N ILE A 130 -4.45 -0.77 2.34
CA ILE A 130 -3.08 -0.56 2.76
C ILE A 130 -2.82 -1.31 4.06
N VAL A 131 -1.71 -2.05 4.11
CA VAL A 131 -1.21 -2.61 5.37
C VAL A 131 0.20 -2.08 5.60
N ASP A 132 0.36 -1.16 6.54
CA ASP A 132 1.66 -0.56 6.75
C ASP A 132 2.51 -1.35 7.74
N SER A 133 3.75 -1.62 7.36
CA SER A 133 4.64 -2.49 8.14
C SER A 133 3.98 -3.85 8.41
N LEU A 134 3.50 -4.48 7.32
CA LEU A 134 2.76 -5.73 7.37
C LEU A 134 3.36 -6.81 8.25
N THR A 135 4.68 -6.88 8.28
CA THR A 135 5.36 -7.94 9.02
C THR A 135 5.67 -7.63 10.47
N SER A 136 5.48 -6.39 10.91
CA SER A 136 6.03 -5.97 12.20
C SER A 136 5.54 -6.84 13.38
N HIS A 137 4.24 -7.09 13.47
CA HIS A 137 3.74 -7.92 14.56
C HIS A 137 4.19 -9.38 14.42
N PHE A 138 4.28 -9.87 13.19
CA PHE A 138 4.67 -11.24 12.97
C PHE A 138 6.13 -11.45 13.40
N ARG A 139 6.96 -10.44 13.17
CA ARG A 139 8.37 -10.52 13.56
C ARG A 139 8.55 -10.38 15.07
N SER A 140 7.67 -9.63 15.71
CA SER A 140 7.69 -9.47 17.16
C SER A 140 7.24 -10.74 17.87
N GLU A 141 6.22 -11.40 17.32
CA GLU A 141 5.54 -12.49 18.01
C GLU A 141 6.11 -13.88 17.75
N TYR A 142 6.59 -14.10 16.54
CA TYR A 142 7.13 -15.39 16.13
C TYR A 142 8.63 -15.23 16.05
N ILE A 143 9.30 -15.65 17.11
CA ILE A 143 10.72 -15.37 17.28
C ILE A 143 11.35 -16.51 18.06
N GLY A 144 12.52 -16.94 17.65
CA GLY A 144 13.22 -18.02 18.33
C GLY A 144 13.35 -19.27 17.50
N ARG A 145 13.82 -20.34 18.14
CA ARG A 145 14.10 -21.58 17.44
C ARG A 145 12.84 -22.13 16.76
N GLY A 146 12.93 -22.35 15.45
CA GLY A 146 11.81 -22.87 14.69
C GLY A 146 10.75 -21.85 14.32
N ALA A 147 10.96 -20.59 14.66
CA ALA A 147 9.95 -19.57 14.39
C ALA A 147 9.88 -19.22 12.92
N LEU A 148 10.94 -19.49 12.17
CA LEU A 148 10.94 -19.10 10.76
C LEU A 148 9.78 -19.79 10.01
N ALA A 149 9.65 -21.10 10.16
CA ALA A 149 8.61 -21.83 9.43
C ALA A 149 7.23 -21.34 9.84
N GLU A 150 7.02 -21.18 11.14
CA GLU A 150 5.71 -20.78 11.64
C GLU A 150 5.35 -19.36 11.18
N ARG A 151 6.30 -18.44 11.32
CA ARG A 151 6.06 -17.07 10.90
C ARG A 151 5.76 -17.00 9.40
N GLN A 152 6.54 -17.72 8.61
CA GLN A 152 6.35 -17.68 7.15
C GLN A 152 5.03 -18.31 6.74
N GLN A 153 4.60 -19.36 7.43
N GLN A 153 4.61 -19.36 7.45
CA GLN A 153 3.31 -19.98 7.15
CA GLN A 153 3.32 -19.99 7.18
C GLN A 153 2.16 -19.02 7.48
C GLN A 153 2.18 -19.02 7.48
N LYS A 154 2.26 -18.34 8.62
CA LYS A 154 1.23 -17.38 9.00
C LYS A 154 1.19 -16.18 8.06
N LEU A 155 2.36 -15.68 7.67
CA LEU A 155 2.42 -14.58 6.70
C LEU A 155 1.87 -15.03 5.36
N ALA A 156 2.19 -16.26 4.95
CA ALA A 156 1.71 -16.75 3.66
C ALA A 156 0.20 -16.79 3.63
N LYS A 157 -0.41 -17.21 4.76
CA LYS A 157 -1.87 -17.26 4.88
C LYS A 157 -2.49 -15.87 4.83
N HIS A 158 -1.89 -14.95 5.56
CA HIS A 158 -2.33 -13.56 5.58
C HIS A 158 -2.27 -12.98 4.18
N LEU A 159 -1.16 -13.25 3.49
CA LEU A 159 -1.00 -12.72 2.13
C LEU A 159 -1.97 -13.39 1.16
N ALA A 160 -2.23 -14.69 1.33
CA ALA A 160 -3.27 -15.36 0.53
C ALA A 160 -4.64 -14.70 0.73
N ASP A 161 -4.98 -14.37 1.98
CA ASP A 161 -6.24 -13.66 2.25
C ASP A 161 -6.29 -12.32 1.53
N LEU A 162 -5.18 -11.60 1.55
CA LEU A 162 -5.11 -10.31 0.89
C LEU A 162 -5.19 -10.45 -0.63
N HIS A 163 -4.50 -11.44 -1.19
CA HIS A 163 -4.60 -11.71 -2.64
C HIS A 163 -6.03 -12.00 -3.05
N ARG A 164 -6.73 -12.77 -2.23
CA ARG A 164 -8.13 -13.07 -2.51
C ARG A 164 -8.98 -11.79 -2.59
N LEU A 165 -8.80 -10.88 -1.64
CA LEU A 165 -9.56 -9.63 -1.68
C LEU A 165 -9.24 -8.83 -2.94
N ALA A 166 -7.96 -8.75 -3.29
CA ALA A 166 -7.52 -8.00 -4.46
C ALA A 166 -8.19 -8.57 -5.72
N ASN A 167 -8.17 -9.89 -5.84
CA ASN A 167 -8.67 -10.56 -7.03
C ASN A 167 -10.19 -10.60 -7.09
N LEU A 168 -10.82 -10.88 -5.96
CA LEU A 168 -12.26 -11.06 -5.94
C LEU A 168 -13.01 -9.75 -6.12
N TYR A 169 -12.46 -8.68 -5.54
CA TYR A 169 -13.15 -7.41 -5.47
C TYR A 169 -12.51 -6.31 -6.30
N ASP A 170 -11.49 -6.68 -7.07
CA ASP A 170 -10.80 -5.75 -7.98
C ASP A 170 -10.27 -4.53 -7.23
N ILE A 171 -9.50 -4.80 -6.18
CA ILE A 171 -8.85 -3.72 -5.44
C ILE A 171 -7.33 -3.87 -5.49
N ALA A 172 -6.63 -2.76 -5.27
CA ALA A 172 -5.20 -2.78 -5.10
C ALA A 172 -4.91 -3.01 -3.62
N VAL A 173 -4.00 -3.94 -3.32
CA VAL A 173 -3.47 -4.09 -1.97
C VAL A 173 -2.03 -3.58 -1.98
N PHE A 174 -1.74 -2.67 -1.06
CA PHE A 174 -0.45 -2.01 -0.96
C PHE A 174 0.08 -2.25 0.44
N VAL A 175 1.24 -2.87 0.53
CA VAL A 175 1.83 -3.21 1.82
C VAL A 175 3.23 -2.66 1.91
N THR A 176 3.63 -2.29 3.11
CA THR A 176 4.97 -1.80 3.33
C THR A 176 5.71 -2.68 4.30
N ASN A 177 7.03 -2.68 4.21
CA ASN A 177 7.84 -3.39 5.17
C ASN A 177 9.18 -2.72 5.39
N GLN A 178 9.71 -2.86 6.61
CA GLN A 178 11.07 -2.45 6.90
C GLN A 178 12.02 -3.48 6.30
N VAL A 179 13.18 -3.04 5.84
CA VAL A 179 14.18 -3.95 5.32
C VAL A 179 14.65 -4.93 6.39
N HIS A 185 18.06 -11.94 3.58
CA HIS A 185 17.78 -11.85 2.15
C HIS A 185 17.27 -13.16 1.55
N ILE A 186 17.17 -14.21 2.35
CA ILE A 186 16.77 -15.51 1.82
C ILE A 186 15.34 -15.91 2.14
N LEU A 187 14.56 -15.04 2.78
CA LEU A 187 13.17 -15.39 3.11
C LEU A 187 12.26 -15.31 1.88
N ALA A 188 11.28 -16.20 1.81
CA ALA A 188 10.31 -16.16 0.74
C ALA A 188 9.38 -14.96 0.88
N HIS A 189 8.89 -14.49 -0.26
CA HIS A 189 7.92 -13.40 -0.27
C HIS A 189 6.85 -13.76 -1.28
N SER A 190 5.62 -13.31 -1.08
CA SER A 190 4.56 -13.66 -2.02
C SER A 190 3.75 -12.47 -2.56
N ALA A 191 4.25 -11.25 -2.38
CA ALA A 191 3.61 -10.11 -3.05
C ALA A 191 3.72 -10.28 -4.57
N THR A 192 2.79 -9.70 -5.31
CA THR A 192 2.82 -9.73 -6.77
C THR A 192 4.04 -8.98 -7.30
N LEU A 193 4.32 -7.83 -6.70
CA LEU A 193 5.39 -6.95 -7.15
C LEU A 193 6.06 -6.37 -5.92
N ARG A 194 7.39 -6.43 -5.90
CA ARG A 194 8.18 -5.87 -4.80
C ARG A 194 9.03 -4.71 -5.30
N VAL A 195 9.00 -3.62 -4.54
CA VAL A 195 9.69 -2.39 -4.89
C VAL A 195 10.55 -1.97 -3.72
N TYR A 196 11.84 -1.82 -3.98
CA TYR A 196 12.79 -1.35 -2.99
C TYR A 196 12.95 0.16 -3.09
N LEU A 197 12.80 0.86 -1.98
CA LEU A 197 12.94 2.31 -1.91
C LEU A 197 14.14 2.68 -1.06
N ARG A 198 14.87 3.70 -1.48
N ARG A 198 14.88 3.69 -1.48
CA ARG A 198 16.01 4.21 -0.73
CA ARG A 198 15.95 4.23 -0.67
C ARG A 198 16.17 5.71 -0.94
C ARG A 198 16.07 5.74 -0.87
N LYS A 199 16.84 6.37 0.00
CA LYS A 199 17.15 7.77 -0.15
C LYS A 199 18.25 7.95 -1.19
N GLY A 200 18.11 9.01 -1.97
CA GLY A 200 19.11 9.42 -2.95
C GLY A 200 19.55 10.86 -2.68
N LYS A 201 20.25 11.44 -3.64
CA LYS A 201 20.77 12.78 -3.48
C LYS A 201 19.66 13.79 -3.64
N GLY A 202 19.89 14.99 -3.14
CA GLY A 202 18.96 16.09 -3.29
C GLY A 202 17.59 15.87 -2.67
N GLY A 203 17.52 15.03 -1.64
CA GLY A 203 16.25 14.73 -0.99
C GLY A 203 15.36 13.77 -1.76
N LYS A 204 15.84 13.29 -2.90
CA LYS A 204 15.06 12.37 -3.70
C LYS A 204 15.02 10.99 -3.06
N ARG A 205 14.04 10.21 -3.50
CA ARG A 205 13.97 8.79 -3.18
C ARG A 205 14.11 8.07 -4.50
N ILE A 206 14.69 6.88 -4.44
N ILE A 206 14.69 6.88 -4.44
CA ILE A 206 14.96 6.06 -5.61
CA ILE A 206 14.93 6.07 -5.62
C ILE A 206 14.23 4.74 -5.47
C ILE A 206 14.19 4.76 -5.45
N ALA A 207 13.51 4.32 -6.50
CA ALA A 207 12.76 3.07 -6.51
C ALA A 207 13.35 2.09 -7.52
N ARG A 208 13.41 0.82 -7.12
CA ARG A 208 13.90 -0.27 -7.96
C ARG A 208 12.94 -1.45 -7.82
N LEU A 209 12.57 -2.07 -8.94
CA LEU A 209 11.78 -3.29 -8.89
C LEU A 209 12.68 -4.46 -8.57
N ILE A 210 12.17 -5.37 -7.74
CA ILE A 210 12.97 -6.51 -7.31
C ILE A 210 12.38 -7.77 -7.90
N ASP A 211 13.21 -8.56 -8.57
CA ASP A 211 12.79 -9.86 -9.10
C ASP A 211 11.60 -9.75 -10.05
N ALA A 212 11.64 -8.77 -10.95
CA ALA A 212 10.56 -8.53 -11.91
C ALA A 212 11.07 -8.51 -13.34
N PRO A 213 11.29 -9.69 -13.93
CA PRO A 213 11.80 -9.73 -15.31
C PRO A 213 10.74 -9.31 -16.34
N HIS A 214 9.48 -9.20 -15.90
CA HIS A 214 8.39 -8.84 -16.80
C HIS A 214 8.25 -7.33 -17.00
N LEU A 215 8.89 -6.55 -16.14
CA LEU A 215 8.94 -5.10 -16.30
C LEU A 215 10.34 -4.64 -16.71
N PRO A 216 10.42 -3.58 -17.55
CA PRO A 216 11.74 -3.23 -18.08
C PRO A 216 12.70 -2.63 -17.04
N GLU A 217 13.97 -2.61 -17.43
CA GLU A 217 15.07 -2.18 -16.58
C GLU A 217 15.05 -0.67 -16.32
N GLY A 218 15.31 -0.30 -15.08
CA GLY A 218 15.39 1.09 -14.70
C GLY A 218 15.17 1.34 -13.21
N GLU A 219 15.34 2.59 -12.83
CA GLU A 219 15.00 3.06 -11.50
C GLU A 219 14.25 4.38 -11.64
N ALA A 220 13.30 4.58 -10.75
CA ALA A 220 12.54 5.81 -10.70
C ALA A 220 13.07 6.72 -9.62
N VAL A 221 12.88 8.03 -9.81
CA VAL A 221 13.30 9.03 -8.85
C VAL A 221 12.10 9.91 -8.54
N PHE A 222 11.88 10.18 -7.26
CA PHE A 222 10.75 11.01 -6.87
C PHE A 222 11.08 11.79 -5.63
N SER A 223 10.18 12.73 -5.32
N SER A 223 10.19 12.73 -5.31
CA SER A 223 10.30 13.65 -4.21
CA SER A 223 10.37 13.55 -4.12
C SER A 223 9.12 13.50 -3.24
C SER A 223 9.16 13.43 -3.21
N ILE A 224 9.34 13.90 -1.99
CA ILE A 224 8.28 13.95 -1.01
C ILE A 224 7.98 15.44 -0.77
N THR A 225 6.76 15.87 -1.05
CA THR A 225 6.41 17.27 -1.05
C THR A 225 5.10 17.49 -0.32
N GLU A 226 4.61 18.73 -0.36
CA GLU A 226 3.32 19.05 0.21
C GLU A 226 2.15 18.36 -0.52
N LYS A 227 2.42 17.82 -1.71
CA LYS A 227 1.44 17.04 -2.47
C LYS A 227 1.60 15.52 -2.25
N GLY A 228 2.45 15.15 -1.30
CA GLY A 228 2.73 13.75 -1.01
C GLY A 228 3.95 13.30 -1.76
N ILE A 229 3.73 12.54 -2.83
CA ILE A 229 4.77 12.08 -3.72
C ILE A 229 4.59 12.79 -5.06
N GLU A 230 5.69 13.25 -5.64
CA GLU A 230 5.67 13.69 -7.04
C GLU A 230 7.09 13.58 -7.57
N ASP A 231 7.30 13.84 -8.85
CA ASP A 231 8.65 13.80 -9.41
C ASP A 231 9.52 14.84 -8.69
#